data_4RVF
#
_entry.id   4RVF
#
_cell.length_a   134.214
_cell.length_b   134.214
_cell.length_c   132.293
_cell.angle_alpha   90.00
_cell.angle_beta   90.00
_cell.angle_gamma   90.00
#
_symmetry.space_group_name_H-M   'I 41 2 2'
#
loop_
_entity.id
_entity.type
_entity.pdbx_description
1 polymer 'D-mycarose 3-C-methyltransferase'
2 non-polymer 'ZINC ION'
3 non-polymer "THYMIDINE-5'-DIPHOSPHATE"
4 water water
#
_entity_poly.entity_id   1
_entity_poly.type   'polypeptide(L)'
_entity_poly.pdbx_seq_one_letter_code
;MDIYGTARAVTTCRMCGAQDWQEVVDFGPVPLADSFLEPAASYDDEPRYPLAVVSCRSCRLMSLTHVVDPEVLYRTYPYT
TSDSETIKKHMGHVVAVCVERFGIPEGSFVLEIGSNTGSQLKAFQNAGMRTLGIDPARNIAAVANERGIETLPEFFSVDT
AALVKKTHGTPQLVLGRHVFAHIDDVSAVAEGVRDLLGPDSLFAIEVPYLVDMLERNEFDTIYHEHLSYIGVGSLVALFR
RHGLRVVDVERLAVHGGSILVFVGLDEGTRATAPVVEELIALEKERGLYEDATYERFARHVAEITAELTSMVRSLRAEGK
RIAGYGAPAKGNTLLNVCGLTADDLEFC(CSO)DTTEFKQGLVLPGTHIPVRSPEYAKTQAIDYYLLLAWNYGEEILAKE
GPFLADGGRFILPNPRPSIVPPGEHHHHHH
;
_entity_poly.pdbx_strand_id   A
#
loop_
_chem_comp.id
_chem_comp.type
_chem_comp.name
_chem_comp.formula
TYD non-polymer THYMIDINE-5'-DIPHOSPHATE 'C10 H16 N2 O11 P2'
ZN non-polymer 'ZINC ION' 'Zn 2'
#
# COMPACT_ATOMS: atom_id res chain seq x y z
N THR A 6 10.77 -14.35 14.76
CA THR A 6 9.49 -13.81 15.32
C THR A 6 9.47 -12.27 15.30
N ALA A 7 8.28 -11.72 15.57
CA ALA A 7 8.04 -10.27 15.47
C ALA A 7 8.01 -9.58 16.84
N ARG A 8 8.47 -8.33 16.85
CA ARG A 8 8.60 -7.54 18.09
C ARG A 8 7.33 -6.72 18.34
N ALA A 9 6.77 -6.84 19.54
CA ALA A 9 5.52 -6.18 19.90
C ALA A 9 5.69 -4.67 20.01
N VAL A 10 4.65 -3.94 19.61
CA VAL A 10 4.65 -2.48 19.67
C VAL A 10 4.32 -2.02 21.07
N THR A 11 5.13 -1.10 21.59
CA THR A 11 4.91 -0.49 22.89
C THR A 11 4.41 0.94 22.70
N THR A 12 5.34 1.86 22.45
CA THR A 12 5.00 3.26 22.24
C THR A 12 4.61 3.53 20.78
N CYS A 13 3.85 4.61 20.58
CA CYS A 13 3.34 4.97 19.26
C CYS A 13 4.40 5.63 18.38
N ARG A 14 4.55 5.12 17.16
CA ARG A 14 5.55 5.60 16.19
C ARG A 14 5.52 7.10 15.93
N MET A 15 4.31 7.65 15.88
CA MET A 15 4.11 9.03 15.45
C MET A 15 4.23 10.04 16.61
N CYS A 16 3.38 9.89 17.61
CA CYS A 16 3.26 10.90 18.68
C CYS A 16 3.94 10.54 20.00
N GLY A 17 4.26 9.26 20.20
CA GLY A 17 5.01 8.82 21.39
C GLY A 17 4.15 8.36 22.56
N ALA A 18 2.83 8.48 22.43
CA ALA A 18 1.90 8.06 23.48
C ALA A 18 1.81 6.54 23.55
N GLN A 19 1.10 6.07 24.57
CA GLN A 19 0.83 4.64 24.74
C GLN A 19 -0.58 4.47 25.30
N ASP A 20 -1.56 4.66 24.44
CA ASP A 20 -2.98 4.57 24.80
C ASP A 20 -3.73 3.95 23.61
N TRP A 21 -3.70 2.62 23.56
CA TRP A 21 -4.19 1.87 22.40
C TRP A 21 -5.60 1.32 22.59
N GLN A 22 -6.49 1.68 21.66
CA GLN A 22 -7.80 1.01 21.52
C GLN A 22 -7.60 -0.23 20.64
N GLU A 23 -8.17 -1.35 21.06
CA GLU A 23 -8.22 -2.53 20.21
C GLU A 23 -9.33 -2.34 19.19
N VAL A 24 -9.03 -2.58 17.92
CA VAL A 24 -10.02 -2.42 16.84
C VAL A 24 -10.39 -3.77 16.24
N VAL A 25 -9.40 -4.51 15.72
CA VAL A 25 -9.66 -5.85 15.18
C VAL A 25 -8.41 -6.73 15.22
N ASP A 26 -8.63 -8.02 15.45
CA ASP A 26 -7.57 -9.01 15.59
C ASP A 26 -7.90 -10.26 14.75
N PHE A 27 -7.12 -10.48 13.70
CA PHE A 27 -7.30 -11.63 12.81
C PHE A 27 -6.51 -12.85 13.26
N GLY A 28 -5.72 -12.71 14.32
CA GLY A 28 -4.96 -13.82 14.89
C GLY A 28 -3.67 -14.06 14.12
N PRO A 29 -3.08 -15.26 14.26
CA PRO A 29 -1.89 -15.58 13.47
C PRO A 29 -2.20 -15.82 11.99
N VAL A 30 -1.40 -15.21 11.12
CA VAL A 30 -1.62 -15.22 9.67
C VAL A 30 -0.27 -15.28 8.95
N PRO A 31 -0.17 -16.04 7.84
CA PRO A 31 1.09 -16.06 7.09
C PRO A 31 1.34 -14.75 6.33
N LEU A 32 2.60 -14.44 6.11
CA LEU A 32 2.98 -13.21 5.40
C LEU A 32 2.39 -13.18 4.00
N ALA A 33 1.84 -12.03 3.64
CA ALA A 33 1.08 -11.87 2.40
C ALA A 33 1.92 -12.00 1.11
N ASP A 34 3.22 -11.71 1.18
CA ASP A 34 4.11 -11.82 0.02
C ASP A 34 5.03 -13.06 0.05
N SER A 35 4.72 -13.99 0.95
CA SER A 35 5.45 -15.26 1.03
C SER A 35 4.72 -16.35 0.24
N PHE A 36 4.88 -16.30 -1.09
CA PHE A 36 4.31 -17.30 -1.98
C PHE A 36 5.16 -18.56 -1.96
N LEU A 37 4.51 -19.71 -1.83
CA LEU A 37 5.20 -20.98 -1.60
C LEU A 37 5.26 -21.86 -2.84
N GLU A 38 6.31 -22.67 -2.91
CA GLU A 38 6.38 -23.77 -3.87
C GLU A 38 5.35 -24.83 -3.45
N PRO A 39 4.68 -25.46 -4.42
CA PRO A 39 3.69 -26.47 -4.06
C PRO A 39 4.31 -27.71 -3.42
N ALA A 40 3.56 -28.34 -2.52
CA ALA A 40 4.03 -29.49 -1.76
C ALA A 40 2.88 -30.26 -1.11
N ALA A 41 3.21 -31.42 -0.57
CA ALA A 41 2.24 -32.23 0.18
C ALA A 41 2.02 -31.64 1.57
N SER A 42 3.12 -31.23 2.21
CA SER A 42 3.10 -30.69 3.56
C SER A 42 3.29 -29.17 3.57
N TYR A 43 2.54 -28.50 4.44
CA TYR A 43 2.70 -27.06 4.71
C TYR A 43 2.69 -26.80 6.21
N ASP A 44 3.15 -27.78 6.98
CA ASP A 44 3.11 -27.72 8.45
C ASP A 44 4.09 -26.71 9.04
N ASP A 45 5.21 -26.51 8.35
CA ASP A 45 6.27 -25.58 8.81
C ASP A 45 6.11 -24.14 8.28
N GLU A 46 4.90 -23.80 7.83
CA GLU A 46 4.63 -22.45 7.33
C GLU A 46 4.54 -21.45 8.49
N PRO A 47 5.39 -20.41 8.47
CA PRO A 47 5.36 -19.44 9.56
C PRO A 47 4.10 -18.57 9.58
N ARG A 48 3.64 -18.22 10.78
CA ARG A 48 2.47 -17.38 10.96
C ARG A 48 2.76 -16.31 12.03
N TYR A 49 2.29 -15.10 11.79
CA TYR A 49 2.53 -13.97 12.70
C TYR A 49 1.22 -13.30 13.06
N PRO A 50 1.12 -12.75 14.28
CA PRO A 50 -0.13 -12.12 14.69
C PRO A 50 -0.45 -10.88 13.85
N LEU A 51 -1.67 -10.83 13.32
CA LEU A 51 -2.14 -9.69 12.55
C LEU A 51 -3.34 -9.06 13.27
N ALA A 52 -3.12 -7.88 13.82
CA ALA A 52 -4.15 -7.13 14.53
C ALA A 52 -3.80 -5.66 14.50
N VAL A 53 -4.82 -4.80 14.55
CA VAL A 53 -4.61 -3.36 14.54
C VAL A 53 -5.09 -2.70 15.83
N VAL A 54 -4.45 -1.59 16.18
CA VAL A 54 -4.80 -0.81 17.36
C VAL A 54 -4.75 0.68 17.00
N SER A 55 -5.64 1.46 17.60
CA SER A 55 -5.73 2.89 17.31
C SER A 55 -5.21 3.73 18.47
N CYS A 56 -4.27 4.61 18.18
CA CYS A 56 -3.69 5.50 19.17
C CYS A 56 -4.67 6.60 19.56
N ARG A 57 -5.18 6.56 20.79
CA ARG A 57 -6.20 7.53 21.23
C ARG A 57 -5.71 8.98 21.21
N SER A 58 -4.41 9.19 21.36
CA SER A 58 -3.80 10.52 21.28
C SER A 58 -3.85 11.14 19.88
N CYS A 59 -3.12 10.54 18.93
CA CYS A 59 -3.00 11.09 17.57
C CYS A 59 -3.79 10.32 16.50
N ARG A 60 -4.33 9.16 16.88
CA ARG A 60 -5.18 8.32 16.02
C ARG A 60 -4.49 7.74 14.78
N LEU A 61 -3.21 7.41 14.93
CA LEU A 61 -2.57 6.49 14.02
C LEU A 61 -3.18 5.13 14.28
N MET A 62 -3.46 4.39 13.21
CA MET A 62 -3.80 2.98 13.34
C MET A 62 -2.53 2.18 13.03
N SER A 63 -2.20 1.24 13.90
CA SER A 63 -0.96 0.48 13.81
C SER A 63 -1.20 -1.00 14.03
N LEU A 64 -0.34 -1.82 13.43
CA LEU A 64 -0.31 -3.25 13.75
C LEU A 64 0.22 -3.42 15.17
N THR A 65 -0.23 -4.48 15.85
CA THR A 65 0.22 -4.77 17.22
C THR A 65 1.65 -5.29 17.27
N HIS A 66 2.11 -5.87 16.17
CA HIS A 66 3.49 -6.37 16.06
C HIS A 66 4.19 -5.88 14.79
N VAL A 67 5.51 -6.05 14.78
CA VAL A 67 6.38 -5.63 13.66
C VAL A 67 7.29 -6.78 13.24
N VAL A 68 7.05 -7.32 12.05
CA VAL A 68 7.85 -8.42 11.51
C VAL A 68 9.19 -7.90 11.01
N ASP A 69 10.25 -8.63 11.32
CA ASP A 69 11.63 -8.25 10.97
C ASP A 69 11.76 -7.73 9.52
N PRO A 70 12.25 -6.48 9.36
CA PRO A 70 12.43 -5.93 8.00
C PRO A 70 13.57 -6.55 7.17
N GLU A 71 14.41 -7.37 7.80
CA GLU A 71 15.45 -8.12 7.08
C GLU A 71 14.81 -9.29 6.33
N VAL A 72 13.70 -9.79 6.85
CA VAL A 72 12.93 -10.86 6.21
C VAL A 72 12.16 -10.35 5.00
N LEU A 73 11.58 -9.15 5.13
CA LEU A 73 10.64 -8.62 4.13
C LEU A 73 11.30 -7.99 2.90
N TYR A 74 12.02 -6.89 3.09
CA TYR A 74 12.42 -6.01 1.98
C TYR A 74 13.84 -6.22 1.41
N ARG A 75 14.66 -7.07 2.04
CA ARG A 75 16.05 -7.26 1.58
C ARG A 75 16.14 -8.15 0.34
N THR A 76 15.16 -9.03 0.14
CA THR A 76 15.05 -9.85 -1.08
C THR A 76 13.63 -9.75 -1.66
N TYR A 77 13.21 -8.52 -1.91
CA TYR A 77 11.93 -8.27 -2.54
C TYR A 77 12.03 -8.69 -4.00
N PRO A 78 10.97 -9.32 -4.54
CA PRO A 78 10.92 -9.55 -5.96
C PRO A 78 10.01 -8.49 -6.55
N TYR A 79 10.35 -7.93 -7.70
CA TYR A 79 9.44 -6.94 -8.24
C TYR A 79 9.50 -6.76 -9.75
N THR A 80 8.29 -6.79 -10.32
CA THR A 80 8.06 -6.77 -11.75
C THR A 80 8.72 -5.58 -12.44
N THR A 81 9.50 -5.87 -13.47
CA THR A 81 9.86 -4.81 -14.42
C THR A 81 8.61 -4.59 -15.27
N SER A 82 8.44 -3.36 -15.77
CA SER A 82 7.22 -2.92 -16.45
C SER A 82 6.17 -2.55 -15.41
N ASP A 83 5.00 -2.11 -15.86
CA ASP A 83 3.85 -1.97 -14.99
C ASP A 83 2.60 -1.53 -15.71
N SER A 84 1.49 -1.66 -14.99
CA SER A 84 0.17 -1.29 -15.47
C SER A 84 0.22 0.03 -16.21
N GLU A 85 -0.73 0.22 -17.11
CA GLU A 85 -0.92 1.53 -17.73
C GLU A 85 -1.41 2.49 -16.65
N THR A 86 -2.08 1.92 -15.67
CA THR A 86 -2.49 2.63 -14.45
C THR A 86 -1.29 3.29 -13.75
N ILE A 87 -0.25 2.50 -13.52
CA ILE A 87 0.91 2.96 -12.77
C ILE A 87 1.73 3.96 -13.55
N LYS A 88 1.92 3.68 -14.83
CA LYS A 88 2.74 4.53 -15.67
C LYS A 88 2.18 5.95 -15.71
N LYS A 89 0.87 6.03 -15.86
CA LYS A 89 0.17 7.31 -15.88
C LYS A 89 0.18 7.97 -14.50
N HIS A 90 0.03 7.15 -13.46
CA HIS A 90 0.07 7.62 -12.08
C HIS A 90 1.44 8.21 -11.72
N MET A 91 2.51 7.53 -12.12
CA MET A 91 3.86 8.05 -11.91
C MET A 91 4.07 9.41 -12.59
N GLY A 92 3.54 9.54 -13.80
CA GLY A 92 3.60 10.80 -14.55
C GLY A 92 2.78 11.92 -13.93
N HIS A 93 1.71 11.55 -13.24
CA HIS A 93 0.88 12.51 -12.54
C HIS A 93 1.58 13.02 -11.27
N VAL A 94 2.25 12.12 -10.57
CA VAL A 94 3.03 12.49 -9.39
C VAL A 94 4.09 13.53 -9.75
N VAL A 95 4.79 13.31 -10.86
CA VAL A 95 5.77 14.27 -11.36
C VAL A 95 5.12 15.62 -11.62
N ALA A 96 3.99 15.61 -12.29
CA ALA A 96 3.31 16.85 -12.66
C ALA A 96 2.87 17.64 -11.43
N VAL A 97 2.26 16.96 -10.47
CA VAL A 97 1.84 17.60 -9.21
C VAL A 97 3.02 18.22 -8.46
N CYS A 98 4.08 17.43 -8.29
CA CYS A 98 5.28 17.89 -7.57
C CYS A 98 5.93 19.11 -8.23
N VAL A 99 6.17 19.00 -9.53
CA VAL A 99 6.93 19.99 -10.27
C VAL A 99 6.14 21.29 -10.52
N GLU A 100 4.86 21.16 -10.84
CA GLU A 100 4.03 22.32 -11.20
C GLU A 100 3.44 23.06 -9.99
N ARG A 101 3.02 22.32 -8.97
CA ARG A 101 2.41 22.97 -7.80
C ARG A 101 3.41 23.80 -7.01
N PHE A 102 4.69 23.46 -7.09
CA PHE A 102 5.74 24.15 -6.36
C PHE A 102 6.85 24.72 -7.26
N GLY A 103 6.57 24.80 -8.56
CA GLY A 103 7.47 25.43 -9.53
C GLY A 103 8.93 25.02 -9.44
N ILE A 104 9.16 23.71 -9.44
CA ILE A 104 10.51 23.16 -9.39
C ILE A 104 11.16 23.31 -10.77
N PRO A 105 12.27 24.07 -10.86
CA PRO A 105 12.90 24.31 -12.17
C PRO A 105 13.58 23.09 -12.75
N GLU A 106 13.78 23.10 -14.07
CA GLU A 106 14.54 22.04 -14.74
C GLU A 106 15.97 22.02 -14.21
N GLY A 107 16.53 20.82 -14.09
CA GLY A 107 17.88 20.64 -13.54
C GLY A 107 17.92 20.43 -12.03
N SER A 108 16.76 20.51 -11.38
CA SER A 108 16.66 20.30 -9.93
C SER A 108 16.94 18.85 -9.53
N PHE A 109 17.25 18.68 -8.25
CA PHE A 109 17.67 17.38 -7.72
C PHE A 109 16.51 16.74 -6.94
N VAL A 110 16.19 15.51 -7.33
CA VAL A 110 15.09 14.76 -6.72
C VAL A 110 15.61 13.44 -6.17
N LEU A 111 15.45 13.26 -4.86
CA LEU A 111 15.85 12.02 -4.19
C LEU A 111 14.61 11.19 -3.93
N GLU A 112 14.67 9.90 -4.24
CA GLU A 112 13.55 8.99 -3.95
C GLU A 112 13.95 7.87 -2.99
N ILE A 113 13.12 7.68 -1.97
CA ILE A 113 13.31 6.60 -0.99
C ILE A 113 12.39 5.45 -1.34
N GLY A 114 12.93 4.23 -1.35
CA GLY A 114 12.22 3.05 -1.85
C GLY A 114 11.99 3.18 -3.34
N SER A 115 13.06 3.53 -4.02
CA SER A 115 13.00 3.90 -5.44
C SER A 115 12.83 2.69 -6.34
N ASN A 116 13.15 1.50 -5.82
CA ASN A 116 12.82 0.24 -6.49
C ASN A 116 13.58 0.11 -7.81
N THR A 117 12.90 -0.34 -8.87
CA THR A 117 13.52 -0.47 -10.20
C THR A 117 13.80 0.88 -10.85
N GLY A 118 13.21 1.95 -10.32
CA GLY A 118 13.53 3.32 -10.72
C GLY A 118 12.64 3.89 -11.81
N SER A 119 11.45 3.32 -11.98
CA SER A 119 10.49 3.83 -12.96
C SER A 119 10.03 5.25 -12.63
N GLN A 120 9.76 5.49 -11.36
CA GLN A 120 9.36 6.81 -10.89
C GLN A 120 10.45 7.85 -11.11
N LEU A 121 11.71 7.49 -10.82
CA LEU A 121 12.83 8.39 -11.05
C LEU A 121 13.02 8.70 -12.53
N LYS A 122 12.82 7.69 -13.36
CA LYS A 122 12.90 7.85 -14.81
C LYS A 122 11.89 8.90 -15.32
N ALA A 123 10.71 8.93 -14.72
CA ALA A 123 9.70 9.95 -15.04
C ALA A 123 10.20 11.37 -14.74
N PHE A 124 10.87 11.54 -13.60
CA PHE A 124 11.45 12.83 -13.22
C PHE A 124 12.60 13.24 -14.15
N GLN A 125 13.35 12.26 -14.65
CA GLN A 125 14.42 12.54 -15.61
C GLN A 125 13.87 13.03 -16.96
N ASN A 126 12.76 12.44 -17.39
CA ASN A 126 12.09 12.86 -18.62
C ASN A 126 11.49 14.26 -18.49
N ALA A 127 11.18 14.65 -17.26
CA ALA A 127 10.77 16.03 -16.95
C ALA A 127 11.96 16.99 -16.76
N GLY A 128 13.18 16.50 -16.97
CA GLY A 128 14.40 17.31 -16.97
C GLY A 128 15.11 17.47 -15.63
N MET A 129 15.01 16.46 -14.77
CA MET A 129 15.59 16.53 -13.41
C MET A 129 16.78 15.60 -13.19
N ARG A 130 17.67 16.05 -12.31
CA ARG A 130 18.70 15.22 -11.68
C ARG A 130 18.03 14.32 -10.66
N THR A 131 18.43 13.06 -10.59
CA THR A 131 17.86 12.15 -9.61
C THR A 131 18.90 11.26 -8.91
N LEU A 132 18.45 10.67 -7.81
CA LEU A 132 19.19 9.63 -7.10
C LEU A 132 18.20 8.76 -6.32
N GLY A 133 18.43 7.44 -6.33
CA GLY A 133 17.59 6.49 -5.61
C GLY A 133 18.22 6.01 -4.31
N ILE A 134 17.37 5.62 -3.37
CA ILE A 134 17.79 4.93 -2.15
C ILE A 134 16.85 3.74 -2.02
N ASP A 135 17.41 2.54 -2.03
CA ASP A 135 16.64 1.32 -1.83
C ASP A 135 17.54 0.22 -1.26
N PRO A 136 17.18 -0.32 -0.08
CA PRO A 136 18.02 -1.32 0.59
C PRO A 136 17.96 -2.72 -0.02
N ALA A 137 17.01 -2.98 -0.92
CA ALA A 137 16.96 -4.24 -1.65
C ALA A 137 18.11 -4.30 -2.68
N ARG A 138 19.20 -4.97 -2.30
CA ARG A 138 20.42 -5.00 -3.14
C ARG A 138 20.18 -5.61 -4.52
N ASN A 139 19.34 -6.63 -4.57
CA ASN A 139 18.98 -7.25 -5.85
C ASN A 139 18.32 -6.26 -6.81
N ILE A 140 17.40 -5.45 -6.29
CA ILE A 140 16.65 -4.49 -7.11
C ILE A 140 17.46 -3.21 -7.36
N ALA A 141 18.23 -2.78 -6.37
CA ALA A 141 19.11 -1.62 -6.53
C ALA A 141 20.08 -1.81 -7.69
N ALA A 142 20.59 -3.04 -7.84
CA ALA A 142 21.52 -3.37 -8.91
C ALA A 142 20.85 -3.33 -10.30
N VAL A 143 19.58 -3.72 -10.35
CA VAL A 143 18.80 -3.64 -11.59
C VAL A 143 18.70 -2.18 -12.03
N ALA A 144 18.13 -1.34 -11.19
CA ALA A 144 18.02 0.10 -11.45
C ALA A 144 19.38 0.71 -11.84
N ASN A 145 20.43 0.30 -11.14
CA ASN A 145 21.80 0.73 -11.44
C ASN A 145 22.28 0.31 -12.83
N GLU A 146 21.90 -0.90 -13.24
CA GLU A 146 22.21 -1.40 -14.58
C GLU A 146 21.50 -0.60 -15.68
N ARG A 147 20.27 -0.18 -15.39
CA ARG A 147 19.44 0.54 -16.37
C ARG A 147 19.87 2.01 -16.56
N GLY A 148 20.72 2.49 -15.66
CA GLY A 148 21.24 3.87 -15.73
C GLY A 148 20.60 4.83 -14.74
N ILE A 149 19.91 4.29 -13.73
CA ILE A 149 19.28 5.09 -12.69
C ILE A 149 20.03 4.88 -11.37
N GLU A 150 20.96 5.78 -11.10
CA GLU A 150 21.84 5.69 -9.93
C GLU A 150 21.03 5.51 -8.65
N THR A 151 21.38 4.47 -7.89
CA THR A 151 20.65 4.06 -6.70
C THR A 151 21.62 3.55 -5.63
N LEU A 152 21.57 4.17 -4.45
CA LEU A 152 22.38 3.72 -3.31
C LEU A 152 21.69 2.56 -2.60
N PRO A 153 22.40 1.43 -2.41
CA PRO A 153 21.82 0.29 -1.68
C PRO A 153 21.94 0.51 -0.17
N GLU A 154 21.06 1.34 0.37
CA GLU A 154 21.11 1.75 1.77
C GLU A 154 19.69 1.84 2.33
N PHE A 155 19.61 1.95 3.65
CA PHE A 155 18.38 2.38 4.31
C PHE A 155 18.45 3.88 4.44
N PHE A 156 17.29 4.54 4.44
CA PHE A 156 17.29 5.97 4.70
C PHE A 156 17.45 6.19 6.20
N SER A 157 18.29 7.16 6.54
CA SER A 157 18.59 7.51 7.92
C SER A 157 19.26 8.88 7.94
N VAL A 158 19.62 9.35 9.13
CA VAL A 158 20.38 10.59 9.27
C VAL A 158 21.76 10.43 8.62
N ASP A 159 22.35 9.24 8.76
CA ASP A 159 23.68 8.95 8.21
C ASP A 159 23.68 8.94 6.69
N THR A 160 22.71 8.26 6.10
CA THR A 160 22.55 8.24 4.63
C THR A 160 22.23 9.64 4.09
N ALA A 161 21.42 10.40 4.83
CA ALA A 161 21.12 11.78 4.42
C ALA A 161 22.38 12.63 4.32
N ALA A 162 23.30 12.45 5.26
CA ALA A 162 24.57 13.16 5.23
C ALA A 162 25.40 12.74 4.00
N LEU A 163 25.39 11.45 3.69
CA LEU A 163 26.11 10.92 2.54
C LEU A 163 25.58 11.50 1.22
N VAL A 164 24.26 11.54 1.11
CA VAL A 164 23.60 12.11 -0.06
C VAL A 164 23.98 13.58 -0.26
N LYS A 165 23.95 14.35 0.82
CA LYS A 165 24.27 15.77 0.76
C LYS A 165 25.73 16.02 0.38
N LYS A 166 26.63 15.21 0.92
CA LYS A 166 28.05 15.36 0.65
C LYS A 166 28.40 15.07 -0.82
N THR A 167 27.80 14.03 -1.38
CA THR A 167 28.11 13.58 -2.73
C THR A 167 27.20 14.20 -3.81
N HIS A 168 25.96 14.53 -3.47
CA HIS A 168 24.96 14.95 -4.48
C HIS A 168 24.29 16.30 -4.24
N GLY A 169 24.59 16.93 -3.11
CA GLY A 169 24.06 18.26 -2.81
C GLY A 169 22.67 18.19 -2.18
N THR A 170 22.08 19.36 -2.00
CA THR A 170 20.77 19.49 -1.38
C THR A 170 19.67 19.23 -2.41
N PRO A 171 18.73 18.31 -2.10
CA PRO A 171 17.62 18.05 -3.02
C PRO A 171 16.48 19.05 -2.89
N GLN A 172 15.89 19.38 -4.02
CA GLN A 172 14.68 20.24 -4.05
C GLN A 172 13.48 19.45 -3.58
N LEU A 173 13.48 18.15 -3.84
CA LEU A 173 12.35 17.28 -3.53
C LEU A 173 12.83 15.91 -3.05
N VAL A 174 12.28 15.46 -1.92
CA VAL A 174 12.52 14.10 -1.42
C VAL A 174 11.20 13.35 -1.46
N LEU A 175 11.18 12.21 -2.17
CA LEU A 175 9.96 11.43 -2.39
C LEU A 175 10.01 10.06 -1.73
N GLY A 176 8.91 9.68 -1.07
CA GLY A 176 8.78 8.36 -0.46
C GLY A 176 7.37 7.81 -0.63
N ARG A 177 7.22 6.74 -1.40
CA ARG A 177 5.92 6.09 -1.64
C ARG A 177 5.83 4.75 -0.91
N HIS A 178 4.80 4.53 -0.09
CA HIS A 178 4.69 3.25 0.65
C HIS A 178 5.76 3.14 1.73
N VAL A 179 7.03 3.26 1.34
CA VAL A 179 8.14 3.25 2.30
C VAL A 179 7.75 3.89 3.63
N PHE A 180 6.87 4.88 3.59
CA PHE A 180 6.44 5.55 4.81
C PHE A 180 5.57 4.71 5.75
N ALA A 181 4.64 3.95 5.16
CA ALA A 181 3.78 3.05 5.94
C ALA A 181 4.41 1.67 6.16
N HIS A 182 5.64 1.51 5.68
CA HIS A 182 6.37 0.25 5.79
C HIS A 182 7.52 0.32 6.81
N ILE A 183 7.90 1.54 7.20
CA ILE A 183 9.01 1.77 8.11
C ILE A 183 8.52 1.93 9.54
N ASP A 184 9.20 1.26 10.48
CA ASP A 184 8.87 1.35 11.89
C ASP A 184 9.41 2.65 12.49
N ASP A 185 10.72 2.84 12.44
CA ASP A 185 11.33 4.04 13.01
C ASP A 185 11.12 5.24 12.09
N VAL A 186 9.93 5.81 12.19
CA VAL A 186 9.52 6.95 11.38
C VAL A 186 10.17 8.26 11.88
N SER A 187 10.54 8.30 13.16
CA SER A 187 11.27 9.44 13.72
C SER A 187 12.63 9.60 13.01
N ALA A 188 13.36 8.49 12.88
CA ALA A 188 14.65 8.48 12.20
C ALA A 188 14.57 9.06 10.79
N VAL A 189 13.51 8.70 10.06
CA VAL A 189 13.28 9.23 8.71
C VAL A 189 13.04 10.73 8.76
N ALA A 190 12.14 11.15 9.65
CA ALA A 190 11.83 12.58 9.81
C ALA A 190 13.07 13.39 10.18
N GLU A 191 13.90 12.81 11.05
CA GLU A 191 15.15 13.45 11.46
C GLU A 191 16.14 13.58 10.30
N GLY A 192 16.28 12.52 9.52
CA GLY A 192 17.15 12.54 8.34
C GLY A 192 16.70 13.58 7.32
N VAL A 193 15.38 13.72 7.19
CA VAL A 193 14.79 14.71 6.29
C VAL A 193 15.06 16.14 6.76
N ARG A 194 14.95 16.40 8.07
CA ARG A 194 15.27 17.72 8.63
C ARG A 194 16.68 18.18 8.21
N ASP A 195 17.66 17.29 8.34
CA ASP A 195 19.05 17.58 7.98
C ASP A 195 19.27 17.87 6.50
N LEU A 196 18.47 17.22 5.65
CA LEU A 196 18.68 17.21 4.21
C LEU A 196 18.00 18.36 3.45
N LEU A 197 16.84 18.78 3.93
CA LEU A 197 16.06 19.83 3.27
C LEU A 197 16.74 21.20 3.33
N GLY A 198 16.75 21.90 2.20
CA GLY A 198 17.04 23.33 2.17
C GLY A 198 15.81 24.13 2.60
N PRO A 199 15.94 25.46 2.66
CA PRO A 199 14.82 26.33 3.10
C PRO A 199 13.52 26.18 2.29
N ASP A 200 13.63 25.87 1.01
CA ASP A 200 12.44 25.74 0.15
C ASP A 200 12.18 24.30 -0.33
N SER A 201 13.00 23.35 0.10
CA SER A 201 12.86 21.96 -0.31
C SER A 201 11.60 21.32 0.27
N LEU A 202 11.19 20.22 -0.35
CA LEU A 202 9.95 19.53 0.02
C LEU A 202 10.16 18.04 0.20
N PHE A 203 9.47 17.50 1.20
CA PHE A 203 9.40 16.06 1.42
C PHE A 203 7.97 15.64 1.08
N ALA A 204 7.85 14.73 0.12
CA ALA A 204 6.54 14.25 -0.32
C ALA A 204 6.40 12.76 -0.06
N ILE A 205 5.27 12.36 0.53
CA ILE A 205 4.98 10.95 0.78
C ILE A 205 3.58 10.57 0.34
N GLU A 206 3.47 9.41 -0.29
CA GLU A 206 2.20 8.87 -0.73
C GLU A 206 1.88 7.62 0.09
N VAL A 207 0.78 7.65 0.82
CA VAL A 207 0.32 6.48 1.58
C VAL A 207 -1.20 6.33 1.46
N PRO A 208 -1.70 5.11 1.72
CA PRO A 208 -3.14 4.91 1.82
C PRO A 208 -3.75 5.78 2.91
N TYR A 209 -4.89 6.40 2.60
CA TYR A 209 -5.54 7.33 3.52
C TYR A 209 -6.54 6.60 4.41
N LEU A 210 -6.40 6.82 5.72
CA LEU A 210 -7.19 6.12 6.72
C LEU A 210 -8.69 6.40 6.58
N VAL A 211 -9.03 7.62 6.18
CA VAL A 211 -10.42 8.00 5.93
C VAL A 211 -11.03 7.06 4.88
N ASP A 212 -10.36 6.94 3.74
CA ASP A 212 -10.81 6.08 2.65
C ASP A 212 -10.91 4.62 3.08
N MET A 213 -9.96 4.18 3.89
CA MET A 213 -9.94 2.81 4.37
C MET A 213 -11.19 2.49 5.18
N LEU A 214 -11.50 3.37 6.12
CA LEU A 214 -12.62 3.18 7.03
C LEU A 214 -13.98 3.26 6.35
N GLU A 215 -14.17 4.27 5.51
CA GLU A 215 -15.45 4.45 4.81
C GLU A 215 -15.77 3.35 3.78
N ARG A 216 -14.73 2.70 3.26
CA ARG A 216 -14.90 1.63 2.27
C ARG A 216 -14.60 0.23 2.83
N ASN A 217 -14.39 0.14 4.14
CA ASN A 217 -14.18 -1.15 4.81
C ASN A 217 -13.07 -2.00 4.17
N GLU A 218 -11.97 -1.35 3.83
CA GLU A 218 -10.88 -1.99 3.10
C GLU A 218 -9.95 -2.74 4.06
N PHE A 219 -10.48 -3.75 4.71
CA PHE A 219 -9.75 -4.51 5.74
C PHE A 219 -8.66 -5.40 5.14
N ASP A 220 -8.82 -5.78 3.88
CA ASP A 220 -7.82 -6.62 3.21
C ASP A 220 -6.47 -5.91 2.96
N THR A 221 -6.48 -4.57 2.97
CA THR A 221 -5.24 -3.79 2.90
C THR A 221 -4.40 -3.89 4.16
N ILE A 222 -4.93 -4.55 5.19
CA ILE A 222 -4.18 -4.85 6.41
C ILE A 222 -3.31 -6.08 6.19
N TYR A 223 -2.00 -5.86 6.17
CA TYR A 223 -1.06 -6.97 6.21
C TYR A 223 0.28 -6.50 6.76
N HIS A 224 1.12 -7.46 7.11
CA HIS A 224 2.31 -7.23 7.93
C HIS A 224 3.29 -6.19 7.39
N GLU A 225 3.36 -6.03 6.07
CA GLU A 225 4.21 -5.00 5.46
C GLU A 225 3.73 -3.61 5.82
N HIS A 226 2.41 -3.43 5.90
CA HIS A 226 1.82 -2.16 6.28
C HIS A 226 1.71 -2.06 7.80
N LEU A 227 2.70 -1.41 8.41
CA LEU A 227 2.74 -1.22 9.85
C LEU A 227 1.80 -0.09 10.27
N SER A 228 1.71 0.94 9.43
CA SER A 228 0.91 2.13 9.72
C SER A 228 -0.25 2.32 8.75
N TYR A 229 -1.34 2.88 9.26
CA TYR A 229 -2.49 3.27 8.44
C TYR A 229 -2.82 4.69 8.85
N ILE A 230 -2.55 5.62 7.92
CA ILE A 230 -2.24 7.00 8.28
C ILE A 230 -3.30 8.02 7.88
N GLY A 231 -3.62 8.90 8.82
CA GLY A 231 -4.36 10.13 8.57
C GLY A 231 -3.46 11.34 8.72
N VAL A 232 -3.94 12.50 8.26
CA VAL A 232 -3.14 13.73 8.24
C VAL A 232 -2.79 14.21 9.66
N GLY A 233 -3.75 14.08 10.57
CA GLY A 233 -3.54 14.48 11.96
C GLY A 233 -2.32 13.84 12.59
N SER A 234 -2.18 12.54 12.36
CA SER A 234 -1.07 11.78 12.93
C SER A 234 0.29 12.21 12.35
N LEU A 235 0.29 12.61 11.09
CA LEU A 235 1.51 13.11 10.44
C LEU A 235 1.91 14.48 10.98
N VAL A 236 0.94 15.38 11.11
CA VAL A 236 1.17 16.67 11.73
C VAL A 236 1.78 16.46 13.13
N ALA A 237 1.22 15.53 13.87
CA ALA A 237 1.70 15.23 15.22
C ALA A 237 3.17 14.81 15.22
N LEU A 238 3.53 13.95 14.29
CA LEU A 238 4.92 13.49 14.14
C LEU A 238 5.84 14.64 13.72
N PHE A 239 5.48 15.32 12.64
CA PHE A 239 6.34 16.34 12.06
C PHE A 239 6.51 17.58 12.94
N ARG A 240 5.55 17.82 13.83
CA ARG A 240 5.69 18.84 14.89
C ARG A 240 6.94 18.61 15.74
N ARG A 241 7.21 17.34 16.04
CA ARG A 241 8.30 16.96 16.96
C ARG A 241 9.69 16.96 16.34
N HIS A 242 9.78 17.18 15.02
CA HIS A 242 11.07 17.13 14.32
C HIS A 242 11.31 18.35 13.43
N GLY A 243 10.70 19.49 13.79
CA GLY A 243 10.94 20.76 13.09
C GLY A 243 10.53 20.77 11.63
N LEU A 244 9.40 20.13 11.34
CA LEU A 244 8.86 20.06 9.99
C LEU A 244 7.39 20.46 9.99
N ARG A 245 6.93 21.03 8.88
CA ARG A 245 5.55 21.48 8.75
C ARG A 245 4.90 20.86 7.52
N VAL A 246 3.70 20.32 7.71
CA VAL A 246 2.88 19.81 6.62
C VAL A 246 2.33 21.03 5.88
N VAL A 247 2.58 21.11 4.58
CA VAL A 247 2.25 22.31 3.80
C VAL A 247 1.13 22.12 2.76
N ASP A 248 0.96 20.91 2.25
CA ASP A 248 -0.08 20.66 1.26
C ASP A 248 -0.40 19.17 1.18
N VAL A 249 -1.61 18.87 0.69
CA VAL A 249 -2.09 17.50 0.53
C VAL A 249 -2.99 17.43 -0.70
N GLU A 250 -2.79 16.41 -1.53
CA GLU A 250 -3.75 16.05 -2.58
C GLU A 250 -4.22 14.62 -2.40
N ARG A 251 -5.52 14.41 -2.54
CA ARG A 251 -6.11 13.08 -2.46
C ARG A 251 -6.05 12.40 -3.81
N LEU A 252 -5.79 11.11 -3.80
CA LEU A 252 -5.62 10.31 -5.02
C LEU A 252 -6.43 9.02 -4.94
N ALA A 253 -6.98 8.61 -6.08
CA ALA A 253 -7.82 7.40 -6.17
C ALA A 253 -7.02 6.10 -6.07
N VAL A 254 -5.72 6.16 -6.33
CA VAL A 254 -4.88 4.95 -6.39
C VAL A 254 -4.81 4.22 -5.05
N HIS A 255 -4.61 2.91 -5.12
CA HIS A 255 -4.49 2.03 -3.95
C HIS A 255 -5.70 2.12 -3.02
N GLY A 256 -6.88 2.25 -3.62
CA GLY A 256 -8.13 2.30 -2.85
C GLY A 256 -8.31 3.55 -2.03
N GLY A 257 -7.67 4.65 -2.45
CA GLY A 257 -7.77 5.92 -1.75
C GLY A 257 -6.49 6.27 -0.99
N SER A 258 -5.71 7.19 -1.55
CA SER A 258 -4.44 7.61 -0.98
C SER A 258 -4.37 9.12 -0.78
N ILE A 259 -3.32 9.55 -0.08
CA ILE A 259 -3.00 10.97 0.05
C ILE A 259 -1.54 11.20 -0.28
N LEU A 260 -1.27 12.23 -1.08
CA LEU A 260 0.08 12.68 -1.36
C LEU A 260 0.36 13.91 -0.51
N VAL A 261 1.17 13.74 0.53
CA VAL A 261 1.39 14.77 1.54
C VAL A 261 2.73 15.47 1.34
N PHE A 262 2.72 16.79 1.37
CA PHE A 262 3.94 17.60 1.21
C PHE A 262 4.38 18.22 2.54
N VAL A 263 5.68 18.18 2.79
CA VAL A 263 6.24 18.62 4.06
C VAL A 263 7.50 19.47 3.83
N GLY A 264 7.60 20.57 4.57
CA GLY A 264 8.77 21.46 4.48
C GLY A 264 9.37 21.69 5.86
N LEU A 265 10.45 22.46 5.89
CA LEU A 265 11.02 22.90 7.16
C LEU A 265 10.04 23.85 7.84
N ASP A 266 9.95 23.76 9.17
CA ASP A 266 9.03 24.60 9.93
C ASP A 266 9.29 26.09 9.71
N GLU A 267 10.57 26.46 9.56
CA GLU A 267 10.98 27.84 9.35
C GLU A 267 11.44 28.10 7.92
N GLY A 268 10.87 27.35 6.97
CA GLY A 268 11.24 27.44 5.57
C GLY A 268 10.32 28.33 4.75
N THR A 269 10.63 28.42 3.46
CA THR A 269 9.91 29.24 2.49
C THR A 269 8.42 28.87 2.34
N ARG A 270 8.13 27.58 2.39
CA ARG A 270 6.82 27.07 1.95
C ARG A 270 5.70 27.37 2.94
N ALA A 271 4.67 28.06 2.45
CA ALA A 271 3.50 28.39 3.26
C ALA A 271 2.55 27.19 3.37
N THR A 272 1.87 27.08 4.50
CA THR A 272 0.86 26.04 4.70
C THR A 272 -0.42 26.43 3.98
N ALA A 273 -0.90 25.54 3.11
CA ALA A 273 -2.14 25.76 2.37
C ALA A 273 -3.35 25.43 3.25
N PRO A 274 -4.54 25.95 2.90
CA PRO A 274 -5.75 25.72 3.70
C PRO A 274 -6.19 24.26 3.75
N VAL A 275 -5.86 23.51 2.70
CA VAL A 275 -6.27 22.10 2.57
C VAL A 275 -5.87 21.26 3.78
N VAL A 276 -4.72 21.58 4.38
CA VAL A 276 -4.18 20.79 5.49
C VAL A 276 -5.14 20.79 6.68
N GLU A 277 -5.58 21.97 7.09
CA GLU A 277 -6.53 22.10 8.21
C GLU A 277 -7.93 21.60 7.85
N GLU A 278 -8.31 21.74 6.58
CA GLU A 278 -9.60 21.23 6.09
C GLU A 278 -9.70 19.71 6.24
N LEU A 279 -8.65 19.02 5.85
CA LEU A 279 -8.59 17.56 5.99
C LEU A 279 -8.53 17.11 7.45
N ILE A 280 -7.99 17.95 8.32
CA ILE A 280 -8.01 17.68 9.76
C ILE A 280 -9.43 17.90 10.32
N ALA A 281 -10.11 18.93 9.84
CA ALA A 281 -11.51 19.17 10.21
C ALA A 281 -12.42 18.04 9.75
N LEU A 282 -12.12 17.50 8.55
CA LEU A 282 -12.86 16.39 7.98
C LEU A 282 -12.68 15.11 8.81
N GLU A 283 -11.45 14.83 9.23
CA GLU A 283 -11.14 13.64 10.03
C GLU A 283 -11.88 13.64 11.36
N LYS A 284 -12.00 14.81 11.99
CA LYS A 284 -12.78 14.96 13.22
C LYS A 284 -14.26 14.68 12.95
N GLU A 285 -14.80 15.33 11.92
CA GLU A 285 -16.20 15.19 11.52
C GLU A 285 -16.63 13.76 11.24
N ARG A 286 -15.73 12.97 10.66
CA ARG A 286 -16.04 11.58 10.28
C ARG A 286 -15.78 10.58 11.41
N GLY A 287 -15.35 11.09 12.56
CA GLY A 287 -15.29 10.32 13.79
C GLY A 287 -14.02 9.52 14.00
N LEU A 288 -12.90 10.00 13.46
CA LEU A 288 -11.63 9.31 13.63
C LEU A 288 -11.09 9.37 15.06
N TYR A 289 -11.58 10.34 15.84
CA TYR A 289 -11.17 10.50 17.24
C TYR A 289 -12.22 9.96 18.22
N GLU A 290 -13.05 9.01 17.76
CA GLU A 290 -14.13 8.45 18.58
C GLU A 290 -14.15 6.91 18.50
N ASP A 291 -14.14 6.28 19.67
CA ASP A 291 -14.04 4.81 19.78
C ASP A 291 -15.13 4.06 18.99
N ALA A 292 -16.33 4.63 18.96
CA ALA A 292 -17.46 4.04 18.24
C ALA A 292 -17.14 3.70 16.79
N THR A 293 -16.42 4.59 16.13
CA THR A 293 -16.06 4.45 14.70
C THR A 293 -15.25 3.18 14.40
N TYR A 294 -14.38 2.82 15.33
CA TYR A 294 -13.51 1.64 15.16
C TYR A 294 -14.18 0.34 15.61
N GLU A 295 -15.18 0.46 16.47
CA GLU A 295 -16.03 -0.67 16.83
C GLU A 295 -16.99 -0.96 15.68
N ARG A 296 -17.45 0.12 15.04
CA ARG A 296 -18.28 0.03 13.82
C ARG A 296 -17.50 -0.60 12.66
N PHE A 297 -16.24 -0.20 12.53
CA PHE A 297 -15.36 -0.77 11.51
C PHE A 297 -15.19 -2.27 11.72
N ALA A 298 -14.92 -2.66 12.96
CA ALA A 298 -14.74 -4.07 13.33
C ALA A 298 -15.99 -4.89 13.05
N ARG A 299 -17.15 -4.27 13.25
CA ARG A 299 -18.43 -4.90 12.98
C ARG A 299 -18.62 -5.10 11.48
N HIS A 300 -18.32 -4.06 10.71
CA HIS A 300 -18.40 -4.13 9.24
C HIS A 300 -17.52 -5.26 8.70
N VAL A 301 -16.33 -5.43 9.26
CA VAL A 301 -15.42 -6.49 8.85
C VAL A 301 -16.06 -7.86 9.02
N ALA A 302 -16.60 -8.11 10.21
CA ALA A 302 -17.25 -9.39 10.51
C ALA A 302 -18.44 -9.66 9.58
N GLU A 303 -19.22 -8.62 9.31
CA GLU A 303 -20.38 -8.73 8.41
C GLU A 303 -19.96 -9.04 6.97
N ILE A 304 -18.95 -8.32 6.48
CA ILE A 304 -18.43 -8.52 5.13
C ILE A 304 -17.73 -9.87 4.98
N THR A 305 -16.88 -10.19 5.94
CA THR A 305 -16.20 -11.48 5.98
C THR A 305 -17.22 -12.61 5.84
N ALA A 306 -18.21 -12.59 6.71
CA ALA A 306 -19.23 -13.63 6.79
C ALA A 306 -20.01 -13.76 5.49
N GLU A 307 -20.59 -12.66 5.02
CA GLU A 307 -21.46 -12.73 3.83
C GLU A 307 -20.70 -13.06 2.55
N LEU A 308 -19.41 -12.73 2.51
CA LEU A 308 -18.57 -13.01 1.35
C LEU A 308 -18.22 -14.50 1.26
N THR A 309 -17.97 -15.14 2.41
CA THR A 309 -17.78 -16.59 2.45
C THR A 309 -19.07 -17.32 2.11
N SER A 310 -20.16 -16.85 2.73
CA SER A 310 -21.50 -17.33 2.44
C SER A 310 -21.82 -17.26 0.94
N MET A 311 -21.49 -16.12 0.33
CA MET A 311 -21.76 -15.88 -1.09
C MET A 311 -20.98 -16.87 -1.97
N VAL A 312 -19.70 -17.05 -1.66
CA VAL A 312 -18.85 -17.98 -2.42
C VAL A 312 -19.35 -19.43 -2.32
N ARG A 313 -19.51 -19.92 -1.10
CA ARG A 313 -19.93 -21.31 -0.86
C ARG A 313 -21.35 -21.60 -1.36
N SER A 314 -22.21 -20.59 -1.30
CA SER A 314 -23.54 -20.68 -1.89
C SER A 314 -23.46 -20.95 -3.40
N LEU A 315 -22.58 -20.23 -4.08
CA LEU A 315 -22.41 -20.40 -5.54
C LEU A 315 -21.77 -21.75 -5.90
N ARG A 316 -20.78 -22.15 -5.12
CA ARG A 316 -20.14 -23.45 -5.31
C ARG A 316 -21.08 -24.63 -5.08
N ALA A 317 -22.03 -24.46 -4.16
CA ALA A 317 -23.07 -25.47 -3.92
C ALA A 317 -23.97 -25.63 -5.14
N GLU A 318 -24.26 -24.52 -5.82
CA GLU A 318 -25.02 -24.54 -7.08
C GLU A 318 -24.23 -25.11 -8.27
N GLY A 319 -22.96 -25.44 -8.06
CA GLY A 319 -22.12 -26.01 -9.11
C GLY A 319 -21.43 -24.98 -9.98
N LYS A 320 -21.42 -23.74 -9.53
CA LYS A 320 -20.72 -22.66 -10.24
C LYS A 320 -19.23 -22.70 -9.88
N ARG A 321 -18.38 -22.52 -10.90
CA ARG A 321 -16.93 -22.55 -10.70
C ARG A 321 -16.39 -21.15 -10.42
N ILE A 322 -15.54 -21.05 -9.41
CA ILE A 322 -15.02 -19.76 -8.95
C ILE A 322 -13.49 -19.75 -8.89
N ALA A 323 -12.92 -18.60 -9.22
CA ALA A 323 -11.46 -18.40 -9.14
C ALA A 323 -11.18 -16.97 -8.69
N GLY A 324 -9.91 -16.68 -8.45
CA GLY A 324 -9.48 -15.32 -8.12
C GLY A 324 -8.87 -14.63 -9.32
N TYR A 325 -9.07 -13.32 -9.40
CA TYR A 325 -8.44 -12.49 -10.43
C TYR A 325 -7.35 -11.66 -9.78
N GLY A 326 -6.10 -11.95 -10.14
CA GLY A 326 -4.94 -11.35 -9.48
C GLY A 326 -4.59 -12.07 -8.18
N ALA A 327 -3.32 -11.98 -7.80
CA ALA A 327 -2.84 -12.53 -6.54
C ALA A 327 -2.02 -11.50 -5.76
N PRO A 328 -2.64 -10.36 -5.42
CA PRO A 328 -1.96 -9.32 -4.67
C PRO A 328 -1.87 -9.67 -3.18
N ALA A 329 -1.03 -8.92 -2.47
CA ALA A 329 -0.86 -9.11 -1.02
C ALA A 329 -2.20 -9.09 -0.28
N LYS A 330 -3.01 -8.09 -0.57
CA LYS A 330 -4.30 -7.92 0.09
C LYS A 330 -5.25 -9.11 -0.10
N GLY A 331 -5.13 -9.79 -1.24
CA GLY A 331 -5.93 -10.97 -1.49
C GLY A 331 -5.66 -12.04 -0.45
N ASN A 332 -4.40 -12.16 -0.06
CA ASN A 332 -3.98 -13.16 0.91
C ASN A 332 -4.48 -12.89 2.33
N THR A 333 -4.69 -11.62 2.66
CA THR A 333 -5.39 -11.27 3.89
C THR A 333 -6.85 -11.67 3.76
N LEU A 334 -7.47 -11.20 2.69
CA LEU A 334 -8.89 -11.47 2.43
C LEU A 334 -9.19 -12.96 2.56
N LEU A 335 -8.46 -13.77 1.80
CA LEU A 335 -8.71 -15.21 1.71
C LEU A 335 -8.45 -15.95 3.03
N ASN A 336 -7.40 -15.56 3.75
CA ASN A 336 -7.11 -16.15 5.06
C ASN A 336 -8.15 -15.78 6.12
N VAL A 337 -8.51 -14.49 6.16
CA VAL A 337 -9.53 -14.00 7.08
C VAL A 337 -10.90 -14.63 6.80
N CYS A 338 -11.18 -14.90 5.53
CA CYS A 338 -12.43 -15.55 5.12
C CYS A 338 -12.35 -17.07 5.23
N GLY A 339 -11.14 -17.61 5.31
CA GLY A 339 -10.91 -19.05 5.49
C GLY A 339 -11.21 -19.89 4.26
N LEU A 340 -11.00 -19.30 3.08
CA LEU A 340 -11.32 -19.99 1.81
C LEU A 340 -10.15 -20.89 1.37
N THR A 341 -10.50 -22.07 0.83
CA THR A 341 -9.51 -23.09 0.46
C THR A 341 -9.51 -23.34 -1.05
N ALA A 342 -8.68 -24.28 -1.49
CA ALA A 342 -8.68 -24.75 -2.88
C ALA A 342 -10.04 -25.34 -3.31
N ASP A 343 -10.82 -25.82 -2.33
CA ASP A 343 -12.18 -26.29 -2.60
C ASP A 343 -13.12 -25.13 -2.93
N ASP A 344 -12.79 -23.93 -2.46
CA ASP A 344 -13.59 -22.73 -2.70
C ASP A 344 -13.16 -21.97 -3.97
N LEU A 345 -11.87 -21.68 -4.09
CA LEU A 345 -11.29 -21.08 -5.30
C LEU A 345 -10.31 -22.06 -5.93
N GLU A 346 -10.62 -22.48 -7.15
CA GLU A 346 -9.82 -23.54 -7.78
C GLU A 346 -8.45 -23.03 -8.25
N PHE A 347 -8.34 -21.74 -8.52
CA PHE A 347 -7.04 -21.08 -8.72
C PHE A 347 -7.15 -19.56 -8.61
N CYS A 348 -6.00 -18.90 -8.73
CA CYS A 348 -5.93 -17.44 -8.92
C CYS A 348 -5.07 -17.13 -10.13
N CSO A 349 -5.63 -16.42 -11.10
CA CSO A 349 -4.85 -16.01 -12.29
CB CSO A 349 -5.75 -15.79 -13.52
SG CSO A 349 -6.74 -14.34 -13.44
C CSO A 349 -4.03 -14.80 -11.92
O CSO A 349 -4.47 -13.97 -11.13
OD CSO A 349 -6.03 -13.28 -14.61
N ASP A 350 -2.81 -14.72 -12.45
CA ASP A 350 -1.94 -13.58 -12.17
C ASP A 350 -0.90 -13.35 -13.27
N THR A 351 -0.70 -12.08 -13.62
CA THR A 351 0.21 -11.70 -14.70
C THR A 351 1.68 -11.80 -14.32
N THR A 352 1.98 -11.69 -13.03
CA THR A 352 3.37 -11.76 -12.55
C THR A 352 3.92 -13.17 -12.75
N GLU A 353 5.05 -13.25 -13.43
CA GLU A 353 5.65 -14.51 -13.86
C GLU A 353 6.22 -15.32 -12.69
N PHE A 354 6.88 -14.62 -11.77
CA PHE A 354 7.38 -15.20 -10.53
C PHE A 354 6.30 -16.02 -9.81
N LYS A 355 5.11 -15.44 -9.70
CA LYS A 355 4.01 -16.05 -8.95
C LYS A 355 3.36 -17.25 -9.66
N GLN A 356 3.38 -17.26 -10.98
CA GLN A 356 2.81 -18.38 -11.76
C GLN A 356 3.47 -19.71 -11.40
N GLY A 357 2.65 -20.71 -11.11
CA GLY A 357 3.13 -22.04 -10.69
C GLY A 357 3.28 -22.21 -9.19
N LEU A 358 3.30 -21.10 -8.45
CA LEU A 358 3.40 -21.12 -7.00
C LEU A 358 2.01 -21.29 -6.36
N VAL A 359 2.00 -21.28 -5.03
CA VAL A 359 0.78 -21.44 -4.24
C VAL A 359 0.64 -20.27 -3.25
N LEU A 360 -0.59 -19.90 -2.93
CA LEU A 360 -0.86 -18.76 -2.02
C LEU A 360 -0.53 -19.10 -0.57
N PRO A 361 -0.12 -18.09 0.24
CA PRO A 361 0.17 -18.33 1.64
C PRO A 361 -1.07 -18.64 2.47
N GLY A 362 -1.02 -19.76 3.20
CA GLY A 362 -2.09 -20.16 4.12
C GLY A 362 -3.15 -20.98 3.42
N THR A 363 -3.85 -20.34 2.48
CA THR A 363 -4.94 -20.96 1.74
C THR A 363 -4.42 -22.05 0.79
N HIS A 364 -3.19 -21.87 0.31
CA HIS A 364 -2.54 -22.82 -0.59
C HIS A 364 -3.28 -23.01 -1.93
N ILE A 365 -4.00 -21.98 -2.35
CA ILE A 365 -4.70 -21.97 -3.63
C ILE A 365 -3.64 -21.75 -4.71
N PRO A 366 -3.69 -22.54 -5.81
CA PRO A 366 -2.64 -22.42 -6.82
C PRO A 366 -2.79 -21.16 -7.67
N VAL A 367 -1.65 -20.54 -7.97
CA VAL A 367 -1.59 -19.38 -8.85
C VAL A 367 -1.29 -19.84 -10.26
N ARG A 368 -2.08 -19.38 -11.22
CA ARG A 368 -1.92 -19.76 -12.64
C ARG A 368 -1.80 -18.53 -13.52
N SER A 369 -1.42 -18.77 -14.77
CA SER A 369 -1.27 -17.70 -15.76
C SER A 369 -2.63 -17.31 -16.32
N PRO A 370 -2.72 -16.09 -16.89
CA PRO A 370 -3.96 -15.70 -17.58
C PRO A 370 -4.31 -16.56 -18.80
N GLU A 371 -3.29 -17.05 -19.51
CA GLU A 371 -3.55 -17.89 -20.69
C GLU A 371 -4.13 -19.26 -20.34
N TYR A 372 -3.76 -19.80 -19.17
CA TYR A 372 -4.46 -20.98 -18.61
C TYR A 372 -5.90 -20.64 -18.25
N ALA A 373 -6.09 -19.53 -17.54
CA ALA A 373 -7.41 -19.07 -17.11
C ALA A 373 -8.42 -18.98 -18.26
N LYS A 374 -7.95 -18.54 -19.43
CA LYS A 374 -8.79 -18.43 -20.62
C LYS A 374 -9.21 -19.79 -21.21
N THR A 375 -8.53 -20.87 -20.84
CA THR A 375 -8.96 -22.22 -21.22
C THR A 375 -10.11 -22.71 -20.34
N GLN A 376 -10.18 -22.21 -19.11
CA GLN A 376 -11.17 -22.67 -18.13
C GLN A 376 -12.51 -21.93 -18.23
N ALA A 377 -13.59 -22.68 -18.04
CA ALA A 377 -14.93 -22.10 -18.00
C ALA A 377 -15.31 -21.69 -16.57
N ILE A 378 -14.77 -20.56 -16.15
CA ILE A 378 -15.03 -20.01 -14.83
C ILE A 378 -16.29 -19.15 -14.89
N ASP A 379 -17.15 -19.30 -13.90
CA ASP A 379 -18.41 -18.57 -13.83
C ASP A 379 -18.24 -17.22 -13.10
N TYR A 380 -17.50 -17.24 -12.00
CA TYR A 380 -17.28 -16.04 -11.18
C TYR A 380 -15.80 -15.83 -10.89
N TYR A 381 -15.32 -14.61 -11.06
CA TYR A 381 -13.98 -14.23 -10.62
C TYR A 381 -14.06 -13.32 -9.40
N LEU A 382 -13.45 -13.76 -8.30
CA LEU A 382 -13.31 -12.93 -7.12
C LEU A 382 -12.21 -11.91 -7.38
N LEU A 383 -12.58 -10.64 -7.46
CA LEU A 383 -11.65 -9.60 -7.86
C LEU A 383 -10.77 -9.16 -6.71
N LEU A 384 -9.64 -9.86 -6.54
CA LEU A 384 -8.71 -9.60 -5.45
C LEU A 384 -7.92 -8.32 -5.70
N ALA A 385 -7.61 -8.05 -6.96
CA ALA A 385 -6.92 -6.82 -7.37
C ALA A 385 -7.93 -5.71 -7.69
N TRP A 386 -8.87 -5.49 -6.77
CA TRP A 386 -9.98 -4.57 -6.99
C TRP A 386 -9.56 -3.10 -7.17
N ASN A 387 -8.41 -2.73 -6.65
CA ASN A 387 -7.91 -1.36 -6.84
C ASN A 387 -7.53 -1.07 -8.30
N TYR A 388 -7.35 -2.12 -9.10
CA TYR A 388 -7.18 -2.00 -10.56
C TYR A 388 -8.46 -2.35 -11.34
N GLY A 389 -9.61 -2.17 -10.69
CA GLY A 389 -10.90 -2.51 -11.29
C GLY A 389 -11.15 -1.92 -12.67
N GLU A 390 -10.85 -0.64 -12.84
CA GLU A 390 -11.17 0.05 -14.09
C GLU A 390 -10.39 -0.52 -15.29
N GLU A 391 -9.09 -0.75 -15.06
CA GLU A 391 -8.22 -1.33 -16.07
C GLU A 391 -8.64 -2.76 -16.45
N ILE A 392 -8.98 -3.55 -15.43
CA ILE A 392 -9.34 -4.95 -15.63
C ILE A 392 -10.68 -5.10 -16.38
N LEU A 393 -11.69 -4.35 -15.95
CA LEU A 393 -13.01 -4.41 -16.60
C LEU A 393 -12.97 -3.86 -18.04
N ALA A 394 -12.05 -2.96 -18.31
CA ALA A 394 -11.88 -2.39 -19.66
C ALA A 394 -11.47 -3.46 -20.68
N LYS A 395 -10.69 -4.44 -20.24
CA LYS A 395 -10.16 -5.47 -21.14
C LYS A 395 -10.86 -6.84 -21.06
N GLU A 396 -11.76 -7.03 -20.09
CA GLU A 396 -12.46 -8.33 -19.94
C GLU A 396 -13.86 -8.35 -20.56
N GLY A 397 -14.04 -7.62 -21.66
CA GLY A 397 -15.31 -7.60 -22.37
C GLY A 397 -15.84 -8.97 -22.80
N PRO A 398 -14.97 -9.82 -23.38
CA PRO A 398 -15.41 -11.15 -23.82
C PRO A 398 -15.97 -12.01 -22.71
N PHE A 399 -15.27 -12.05 -21.58
CA PHE A 399 -15.71 -12.77 -20.39
C PHE A 399 -17.08 -12.27 -19.96
N LEU A 400 -17.24 -10.96 -19.89
CA LEU A 400 -18.49 -10.33 -19.49
C LEU A 400 -19.61 -10.63 -20.47
N ALA A 401 -19.29 -10.58 -21.76
CA ALA A 401 -20.27 -10.86 -22.82
C ALA A 401 -20.77 -12.31 -22.80
N ASP A 402 -19.91 -13.23 -22.37
CA ASP A 402 -20.27 -14.65 -22.26
C ASP A 402 -21.11 -15.02 -21.03
N GLY A 403 -21.34 -14.06 -20.14
CA GLY A 403 -22.12 -14.28 -18.92
C GLY A 403 -21.24 -14.40 -17.67
N GLY A 404 -19.95 -14.16 -17.84
CA GLY A 404 -19.03 -14.15 -16.72
C GLY A 404 -19.33 -12.99 -15.78
N ARG A 405 -19.01 -13.18 -14.51
CA ARG A 405 -19.29 -12.18 -13.49
C ARG A 405 -18.10 -12.02 -12.55
N PHE A 406 -18.05 -10.88 -11.90
CA PHE A 406 -17.01 -10.60 -10.90
C PHE A 406 -17.65 -10.39 -9.55
N ILE A 407 -16.94 -10.79 -8.50
CA ILE A 407 -17.33 -10.52 -7.13
C ILE A 407 -16.40 -9.46 -6.54
N LEU A 408 -16.92 -8.25 -6.38
CA LEU A 408 -16.17 -7.16 -5.74
C LEU A 408 -16.36 -7.22 -4.22
N PRO A 409 -15.26 -7.18 -3.45
CA PRO A 409 -15.35 -7.32 -1.99
C PRO A 409 -15.69 -6.06 -1.20
N ASN A 410 -15.70 -4.89 -1.84
CA ASN A 410 -15.96 -3.64 -1.12
C ASN A 410 -16.59 -2.55 -2.01
N PRO A 411 -17.16 -1.50 -1.42
CA PRO A 411 -17.30 -1.30 0.03
C PRO A 411 -18.14 -2.35 0.73
N ARG A 412 -19.10 -2.91 0.01
CA ARG A 412 -19.83 -4.10 0.40
C ARG A 412 -19.67 -5.13 -0.71
N PRO A 413 -19.77 -6.43 -0.38
CA PRO A 413 -19.74 -7.43 -1.44
C PRO A 413 -20.85 -7.21 -2.47
N SER A 414 -20.50 -7.29 -3.75
CA SER A 414 -21.47 -7.11 -4.83
C SER A 414 -21.02 -7.82 -6.09
N ILE A 415 -21.96 -7.93 -7.03
CA ILE A 415 -21.75 -8.62 -8.29
C ILE A 415 -21.71 -7.63 -9.44
N VAL A 416 -20.59 -7.65 -10.17
CA VAL A 416 -20.48 -6.94 -11.44
C VAL A 416 -20.58 -7.99 -12.54
N PRO A 417 -21.40 -7.77 -13.58
CA PRO A 417 -22.24 -6.57 -13.73
C PRO A 417 -23.47 -6.56 -12.83
N PRO A 418 -23.95 -5.36 -12.47
CA PRO A 418 -25.18 -5.23 -11.69
C PRO A 418 -26.39 -5.54 -12.55
N GLY A 419 -27.53 -5.77 -11.89
CA GLY A 419 -28.77 -6.16 -12.55
C GLY A 419 -29.39 -5.10 -13.43
N GLU A 420 -29.12 -3.84 -13.12
CA GLU A 420 -29.58 -2.72 -13.93
C GLU A 420 -28.42 -1.78 -14.21
N HIS A 421 -28.57 -0.96 -15.25
CA HIS A 421 -27.56 0.02 -15.60
C HIS A 421 -27.53 1.12 -14.55
N HIS A 422 -26.34 1.49 -14.10
CA HIS A 422 -26.19 2.58 -13.13
C HIS A 422 -26.01 3.92 -13.84
N HIS A 423 -27.00 4.81 -13.67
CA HIS A 423 -27.05 6.10 -14.34
C HIS A 423 -26.27 7.16 -13.57
ZN ZN B . 0.08 8.37 18.39
PA TYD C . 0.35 -5.85 -5.81
O1A TYD C . 1.50 -5.34 -6.66
O2A TYD C . 0.54 -7.03 -4.88
O3A TYD C . -0.12 -4.63 -4.87
PB TYD C . -0.90 -3.36 -5.49
O1B TYD C . -0.16 -3.05 -6.77
O2B TYD C . -2.30 -3.89 -5.66
O3B TYD C . -0.76 -2.31 -4.41
O5' TYD C . -0.94 -6.09 -6.76
C5' TYD C . -0.86 -6.32 -8.17
C4' TYD C . -1.12 -7.79 -8.49
O4' TYD C . -2.28 -7.92 -9.33
C3' TYD C . 0.04 -8.45 -9.25
O3' TYD C . 0.39 -9.71 -8.63
C2' TYD C . -0.48 -8.71 -10.65
C1' TYD C . -2.00 -8.71 -10.49
N1 TYD C . -2.70 -8.21 -11.69
C2 TYD C . -3.15 -9.12 -12.69
O2 TYD C . -2.95 -10.34 -12.56
N3 TYD C . -3.80 -8.70 -13.78
C4 TYD C . -4.04 -7.41 -13.99
O4 TYD C . -4.66 -7.04 -15.02
C5 TYD C . -3.59 -6.42 -12.97
C5M TYD C . -3.84 -4.95 -13.16
C6 TYD C . -2.93 -6.89 -11.85
#